data_7TOJ
#
_entry.id   7TOJ
#
_cell.length_a   120.160
_cell.length_b   77.310
_cell.length_c   42.080
_cell.angle_alpha   90.000
_cell.angle_beta   96.890
_cell.angle_gamma   90.000
#
_symmetry.space_group_name_H-M   'C 1 2 1'
#
loop_
_entity.id
_entity.type
_entity.pdbx_description
1 polymer 'SGNH/GDSL hydrolase family protein'
2 non-polymer 'CHLORIDE ION'
3 water water
#
_entity_poly.entity_id   1
_entity_poly.type   'polypeptide(L)'
_entity_poly.pdbx_seq_one_letter_code
;(MSE)QSLEKQSSKGQWLTTWATAPQLVEPKNLPPEPGLSGNTLRQIVRVSVGGKKLRLRFSNKYS(MSE)DSLAVKAVS
IAVPSDSSNVDAATIRSLTFEKKNNFKIAPGSDIYSDEVNFNLKPNSLLAITVSYAKVTQSVTGHPASRTTSFIVKGEQT
NAEVFKNPVKTDHWYSLFNIDVKTSEPSYAVAI(MSE)GNSITDGRGSGTNRQNRWPDIFSQRLLANPSTRNISVLNLGI
GGNCVVRGGLGPTALDRFDYNILNQQGVKWLIILEGVNDLGGTRDPDDASKRTEELIAAYQV(MSE)IDKAHANGIKVYG
ATILPFGKSFYEKPFRIEEWKKVNDWIRNSGKFDAVIDFAKH(MSE)QSENPEVILND(MSE)HDHDFLHPNEAGYRR
(MSE)GEFVDLNLFKNE
;
_entity_poly.pdbx_strand_id   A
#
loop_
_chem_comp.id
_chem_comp.type
_chem_comp.name
_chem_comp.formula
CL non-polymer 'CHLORIDE ION' 'Cl -1'
#
# COMPACT_ATOMS: atom_id res chain seq x y z
N GLY A 11 -23.60 -9.65 -4.75
CA GLY A 11 -22.54 -8.66 -4.73
C GLY A 11 -21.16 -9.27 -4.91
N GLN A 12 -20.25 -8.50 -5.49
CA GLN A 12 -18.89 -8.94 -5.70
C GLN A 12 -17.93 -8.14 -4.85
N TRP A 13 -16.86 -8.74 -4.39
CA TRP A 13 -15.90 -7.99 -3.59
C TRP A 13 -15.03 -7.07 -4.45
N LEU A 14 -14.67 -5.93 -3.87
CA LEU A 14 -13.70 -5.01 -4.45
C LEU A 14 -12.77 -4.56 -3.34
N THR A 15 -11.46 -4.66 -3.55
CA THR A 15 -10.53 -4.16 -2.54
C THR A 15 -10.49 -2.64 -2.66
N THR A 16 -10.74 -1.94 -1.55
CA THR A 16 -10.82 -0.49 -1.54
C THR A 16 -9.61 0.19 -0.91
N TRP A 17 -8.82 -0.54 -0.13
CA TRP A 17 -7.62 -0.03 0.50
C TRP A 17 -6.68 -1.22 0.68
N ALA A 18 -5.38 -0.98 0.46
CA ALA A 18 -4.37 -1.99 0.74
C ALA A 18 -3.09 -1.30 1.14
N THR A 19 -2.24 -2.05 1.84
CA THR A 19 -0.86 -1.65 2.08
C THR A 19 0.00 -2.87 1.82
N ALA A 20 1.26 -2.65 1.44
CA ALA A 20 2.15 -3.78 1.12
C ALA A 20 2.87 -4.27 2.37
N PRO A 21 2.64 -5.49 2.82
CA PRO A 21 3.27 -5.95 4.06
C PRO A 21 4.74 -6.32 3.85
N GLN A 22 5.46 -6.37 4.96
CA GLN A 22 6.86 -6.77 4.96
C GLN A 22 7.22 -7.17 6.39
N LEU A 23 8.40 -7.77 6.54
CA LEU A 23 8.93 -8.01 7.88
C LEU A 23 9.39 -6.68 8.49
N VAL A 24 8.90 -6.38 9.69
CA VAL A 24 9.25 -5.12 10.35
C VAL A 24 10.66 -5.23 10.91
N GLU A 25 11.52 -4.29 10.52
CA GLU A 25 12.88 -4.24 11.05
C GLU A 25 12.83 -3.92 12.54
N PRO A 26 13.84 -4.35 13.30
CA PRO A 26 13.83 -4.10 14.76
C PRO A 26 13.59 -2.64 15.13
N LYS A 27 14.21 -1.70 14.42
CA LYS A 27 14.07 -0.28 14.75
C LYS A 27 12.67 0.24 14.51
N ASN A 28 11.83 -0.51 13.79
CA ASN A 28 10.49 -0.07 13.46
C ASN A 28 9.42 -0.81 14.24
N LEU A 29 9.81 -1.61 15.23
CA LEU A 29 8.85 -2.18 16.15
C LEU A 29 8.31 -1.08 17.06
N PRO A 30 7.13 -1.26 17.61
CA PRO A 30 6.49 -0.18 18.34
C PRO A 30 7.22 0.12 19.64
N PRO A 31 7.05 1.31 20.17
CA PRO A 31 7.69 1.62 21.45
C PRO A 31 6.94 0.95 22.58
N GLU A 32 7.37 1.10 23.79
CA GLU A 32 6.72 0.51 24.91
C GLU A 32 5.34 1.14 25.10
N PRO A 33 4.34 0.38 25.56
CA PRO A 33 4.41 -0.97 26.14
C PRO A 33 4.43 -2.13 25.15
N GLY A 34 4.63 -1.86 23.86
CA GLY A 34 4.66 -2.93 22.88
C GLY A 34 3.27 -3.44 22.56
N LEU A 35 3.22 -4.38 21.63
CA LEU A 35 1.93 -4.90 21.19
C LEU A 35 1.41 -6.03 22.07
N SER A 36 2.29 -6.80 22.69
CA SER A 36 1.86 -7.98 23.44
C SER A 36 0.82 -7.63 24.49
N GLY A 37 -0.33 -8.29 24.42
CA GLY A 37 -1.38 -8.10 25.41
C GLY A 37 -2.03 -6.74 25.38
N ASN A 38 -1.77 -5.94 24.36
CA ASN A 38 -2.21 -4.54 24.31
C ASN A 38 -3.08 -4.32 23.08
N THR A 39 -3.52 -3.07 22.91
CA THR A 39 -4.48 -2.72 21.87
C THR A 39 -3.91 -1.63 20.99
N LEU A 40 -4.03 -1.81 19.67
CA LEU A 40 -3.48 -0.90 18.67
C LEU A 40 -4.62 -0.39 17.79
N ARG A 41 -4.76 0.93 17.69
CA ARG A 41 -5.75 1.55 16.83
C ARG A 41 -5.03 2.19 15.64
N GLN A 42 -5.48 1.86 14.43
CA GLN A 42 -4.82 2.29 13.22
C GLN A 42 -5.85 2.94 12.31
N ILE A 43 -5.42 3.93 11.52
CA ILE A 43 -6.31 4.75 10.70
C ILE A 43 -5.90 4.63 9.24
N VAL A 44 -6.86 4.34 8.36
CA VAL A 44 -6.62 4.24 6.93
C VAL A 44 -7.68 5.05 6.18
N ARG A 45 -7.35 5.44 4.95
CA ARG A 45 -8.27 6.15 4.06
C ARG A 45 -8.74 5.18 2.99
N VAL A 46 -10.03 4.88 2.97
CA VAL A 46 -10.59 4.03 1.93
C VAL A 46 -10.92 4.83 0.68
N SER A 47 -11.16 4.14 -0.43
CA SER A 47 -11.52 4.78 -1.68
C SER A 47 -12.99 4.55 -1.95
N VAL A 48 -13.37 3.52 -2.70
CA VAL A 48 -14.77 3.21 -2.94
C VAL A 48 -15.43 2.78 -1.63
N GLY A 49 -16.69 3.20 -1.44
CA GLY A 49 -17.42 2.88 -0.23
C GLY A 49 -18.32 1.67 -0.41
N GLY A 50 -19.12 1.42 0.63
CA GLY A 50 -20.09 0.34 0.55
C GLY A 50 -20.74 0.09 1.90
N LYS A 51 -21.45 -1.03 1.97
CA LYS A 51 -22.27 -1.38 3.14
C LYS A 51 -21.88 -2.70 3.78
N LYS A 52 -21.08 -3.53 3.11
CA LYS A 52 -20.65 -4.82 3.63
C LYS A 52 -19.15 -4.93 3.38
N LEU A 53 -18.39 -5.27 4.43
CA LEU A 53 -16.95 -5.19 4.39
C LEU A 53 -16.35 -6.51 4.85
N ARG A 54 -15.10 -6.73 4.48
CA ARG A 54 -14.27 -7.73 5.16
C ARG A 54 -12.85 -7.21 5.15
N LEU A 55 -12.04 -7.68 6.10
CA LEU A 55 -10.69 -7.18 6.31
C LEU A 55 -9.74 -8.35 6.35
N ARG A 56 -8.58 -8.21 5.69
CA ARG A 56 -7.55 -9.23 5.73
C ARG A 56 -6.34 -8.74 6.50
N PHE A 57 -5.82 -9.62 7.36
CA PHE A 57 -4.62 -9.39 8.15
C PHE A 57 -3.54 -10.34 7.67
N SER A 58 -2.30 -9.85 7.62
CA SER A 58 -1.19 -10.62 7.08
C SER A 58 -0.14 -10.93 8.14
N ASN A 59 0.24 -12.20 8.20
CA ASN A 59 1.41 -12.68 8.94
C ASN A 59 2.45 -13.29 7.98
N LYS A 60 2.49 -12.76 6.75
CA LYS A 60 3.18 -13.43 5.66
C LYS A 60 4.69 -13.53 5.90
N TYR A 61 5.29 -12.54 6.54
CA TYR A 61 6.74 -12.42 6.59
C TYR A 61 7.33 -12.72 7.96
N SER A 62 6.50 -13.13 8.91
CA SER A 62 6.90 -13.45 10.26
C SER A 62 7.14 -14.94 10.41
N MSE A 63 7.91 -15.26 11.41
CA MSE A 63 8.26 -16.66 11.65
CA MSE A 63 8.26 -16.65 11.65
C MSE A 63 7.59 -17.17 12.92
O MSE A 63 7.78 -18.32 13.30
CB MSE A 63 9.77 -16.80 11.73
CB MSE A 63 9.77 -16.70 11.74
CG MSE A 63 10.38 -16.30 13.01
CG MSE A 63 10.37 -16.03 10.51
SE MSE A 63 12.25 -16.76 12.97
SE MSE A 63 12.07 -16.75 10.08
CE MSE A 63 12.74 -16.48 14.84
CE MSE A 63 12.51 -16.95 11.93
N ASP A 64 6.79 -16.31 13.54
CA ASP A 64 6.01 -16.66 14.72
C ASP A 64 4.54 -16.48 14.40
N SER A 65 3.69 -17.13 15.19
CA SER A 65 2.25 -17.04 14.97
C SER A 65 1.76 -15.64 15.30
N LEU A 66 0.66 -15.26 14.66
CA LEU A 66 -0.01 -13.99 14.96
C LEU A 66 -1.29 -14.31 15.72
N ALA A 67 -1.34 -13.93 17.01
CA ALA A 67 -2.45 -14.24 17.90
C ALA A 67 -3.16 -12.94 18.27
N VAL A 68 -4.44 -12.86 17.93
CA VAL A 68 -5.24 -11.64 18.09
C VAL A 68 -6.50 -12.00 18.87
N LYS A 69 -6.80 -11.20 19.92
CA LYS A 69 -7.94 -11.50 20.79
C LYS A 69 -9.24 -10.91 20.25
N ALA A 70 -9.18 -9.82 19.50
CA ALA A 70 -10.38 -9.11 19.08
C ALA A 70 -10.00 -8.05 18.07
N VAL A 71 -10.93 -7.75 17.16
CA VAL A 71 -10.77 -6.67 16.19
C VAL A 71 -12.10 -5.93 16.06
N SER A 72 -12.05 -4.60 15.98
CA SER A 72 -13.23 -3.80 15.70
C SER A 72 -12.90 -2.79 14.61
N ILE A 73 -13.97 -2.30 13.98
CA ILE A 73 -13.87 -1.18 13.04
C ILE A 73 -14.84 -0.08 13.46
N ALA A 74 -14.50 1.16 13.14
CA ALA A 74 -15.30 2.31 13.57
C ALA A 74 -14.92 3.53 12.76
N VAL A 75 -15.77 4.55 12.79
CA VAL A 75 -15.46 5.84 12.18
C VAL A 75 -14.68 6.68 13.17
N PRO A 76 -13.50 7.19 12.83
CA PRO A 76 -12.75 8.03 13.79
C PRO A 76 -13.46 9.34 14.06
N SER A 77 -13.21 9.87 15.23
CA SER A 77 -13.74 11.20 15.49
C SER A 77 -12.58 12.12 15.37
N ASP A 78 -11.71 12.17 16.36
CA ASP A 78 -10.54 13.01 16.21
C ASP A 78 -9.39 12.11 16.60
N SER A 79 -8.27 12.12 15.85
CA SER A 79 -7.10 11.30 16.14
C SER A 79 -7.41 9.87 16.58
N SER A 80 -7.33 9.61 17.90
CA SER A 80 -7.36 8.26 18.44
C SER A 80 -8.73 7.86 18.99
N ASN A 81 -9.72 8.73 18.91
CA ASN A 81 -11.07 8.42 19.39
C ASN A 81 -11.96 8.04 18.23
N VAL A 82 -13.06 7.36 18.54
CA VAL A 82 -14.00 6.91 17.53
C VAL A 82 -15.42 7.32 17.92
N ASP A 83 -16.30 7.36 16.92
CA ASP A 83 -17.73 7.56 17.16
C ASP A 83 -18.30 6.25 17.71
N ALA A 84 -18.71 6.25 18.98
CA ALA A 84 -19.04 4.99 19.65
C ALA A 84 -20.18 4.25 18.97
N ALA A 85 -21.15 4.97 18.40
CA ALA A 85 -22.28 4.33 17.78
C ALA A 85 -21.92 3.57 16.51
N THR A 86 -20.73 3.83 15.94
CA THR A 86 -20.32 3.18 14.70
C THR A 86 -19.48 1.93 14.92
N ILE A 87 -19.05 1.64 16.15
CA ILE A 87 -18.14 0.53 16.39
C ILE A 87 -18.83 -0.81 16.08
N ARG A 88 -18.14 -1.67 15.33
CA ARG A 88 -18.62 -3.02 15.08
C ARG A 88 -17.47 -4.00 15.24
N SER A 89 -17.75 -5.17 15.79
CA SER A 89 -16.74 -6.20 15.96
C SER A 89 -16.65 -7.05 14.71
N LEU A 90 -15.44 -7.51 14.42
CA LEU A 90 -15.21 -8.50 13.38
C LEU A 90 -15.29 -9.91 13.96
N THR A 91 -15.61 -10.89 13.12
CA THR A 91 -15.58 -12.29 13.49
C THR A 91 -14.75 -13.05 12.47
N PHE A 92 -14.25 -14.21 12.88
CA PHE A 92 -13.34 -15.02 12.06
C PHE A 92 -13.87 -16.45 12.14
N GLU A 93 -14.66 -16.85 11.15
CA GLU A 93 -15.44 -18.08 11.22
C GLU A 93 -16.22 -18.16 12.54
N LYS A 94 -16.92 -17.06 12.84
CA LYS A 94 -17.75 -16.86 14.03
C LYS A 94 -16.97 -16.41 15.26
N LYS A 95 -15.66 -16.60 15.30
CA LYS A 95 -14.89 -16.42 16.53
C LYS A 95 -14.43 -14.97 16.71
N ASN A 96 -14.31 -14.55 17.98
CA ASN A 96 -13.79 -13.21 18.25
C ASN A 96 -12.32 -13.11 17.87
N ASN A 97 -11.58 -14.20 18.06
CA ASN A 97 -10.13 -14.21 18.07
C ASN A 97 -9.61 -15.05 16.91
N PHE A 98 -8.31 -14.90 16.65
CA PHE A 98 -7.66 -15.79 15.69
C PHE A 98 -6.20 -16.01 16.10
N LYS A 99 -5.66 -17.11 15.61
CA LYS A 99 -4.22 -17.39 15.72
C LYS A 99 -3.82 -18.06 14.43
N ILE A 100 -2.97 -17.40 13.65
CA ILE A 100 -2.61 -17.89 12.33
C ILE A 100 -1.12 -18.14 12.25
N ALA A 101 -0.76 -19.13 11.42
CA ALA A 101 0.59 -19.65 11.36
C ALA A 101 1.55 -18.63 10.73
N PRO A 102 2.85 -18.78 11.01
CA PRO A 102 3.85 -18.04 10.25
C PRO A 102 3.62 -18.19 8.76
N GLY A 103 3.63 -17.06 8.05
CA GLY A 103 3.47 -17.07 6.61
C GLY A 103 2.03 -17.03 6.12
N SER A 104 1.04 -17.04 7.01
CA SER A 104 -0.35 -17.09 6.60
CA SER A 104 -0.37 -17.10 6.63
C SER A 104 -1.01 -15.71 6.72
N ASP A 105 -2.24 -15.63 6.24
CA ASP A 105 -3.07 -14.45 6.42
C ASP A 105 -4.46 -14.94 6.79
N ILE A 106 -5.35 -14.01 7.11
CA ILE A 106 -6.73 -14.37 7.45
C ILE A 106 -7.66 -13.22 7.05
N TYR A 107 -8.80 -13.58 6.45
CA TYR A 107 -9.90 -12.65 6.24
C TYR A 107 -10.91 -12.79 7.37
N SER A 108 -11.44 -11.65 7.80
CA SER A 108 -12.63 -11.67 8.64
C SER A 108 -13.83 -12.14 7.82
N ASP A 109 -14.86 -12.58 8.53
CA ASP A 109 -16.18 -12.75 7.94
C ASP A 109 -16.69 -11.40 7.46
N GLU A 110 -17.74 -11.41 6.67
CA GLU A 110 -18.35 -10.17 6.25
C GLU A 110 -19.01 -9.50 7.45
N VAL A 111 -18.97 -8.20 7.43
CA VAL A 111 -19.59 -7.39 8.48
C VAL A 111 -20.38 -6.25 7.83
N ASN A 112 -21.54 -5.95 8.39
CA ASN A 112 -22.33 -4.81 7.94
C ASN A 112 -21.71 -3.55 8.52
N PHE A 113 -21.37 -2.60 7.65
CA PHE A 113 -20.74 -1.37 8.11
C PHE A 113 -20.92 -0.32 7.03
N ASN A 114 -21.46 0.84 7.41
CA ASN A 114 -21.65 1.93 6.47
C ASN A 114 -20.31 2.61 6.24
N LEU A 115 -19.68 2.32 5.10
CA LEU A 115 -18.35 2.84 4.75
C LEU A 115 -18.52 3.90 3.66
N LYS A 116 -18.37 5.17 4.04
CA LYS A 116 -18.51 6.23 3.05
C LYS A 116 -17.27 6.26 2.15
N PRO A 117 -17.44 6.65 0.89
CA PRO A 117 -16.26 6.73 0.03
C PRO A 117 -15.33 7.81 0.54
N ASN A 118 -14.03 7.62 0.28
CA ASN A 118 -13.03 8.66 0.55
C ASN A 118 -12.99 9.01 2.03
N SER A 119 -13.23 8.03 2.90
CA SER A 119 -13.37 8.26 4.34
C SER A 119 -12.27 7.56 5.11
N LEU A 120 -12.12 7.99 6.37
CA LEU A 120 -11.20 7.34 7.28
C LEU A 120 -11.91 6.21 8.03
N LEU A 121 -11.19 5.12 8.24
CA LEU A 121 -11.67 4.00 9.02
C LEU A 121 -10.65 3.70 10.12
N ALA A 122 -11.12 3.52 11.35
CA ALA A 122 -10.29 3.10 12.46
C ALA A 122 -10.43 1.60 12.63
N ILE A 123 -9.30 0.90 12.57
CA ILE A 123 -9.22 -0.53 12.76
C ILE A 123 -8.50 -0.74 14.08
N THR A 124 -9.14 -1.41 15.04
CA THR A 124 -8.55 -1.58 16.36
C THR A 124 -8.35 -3.06 16.63
N VAL A 125 -7.13 -3.43 17.01
CA VAL A 125 -6.72 -4.81 17.20
C VAL A 125 -6.18 -4.98 18.61
N SER A 126 -6.67 -5.99 19.32
CA SER A 126 -6.13 -6.37 20.61
C SER A 126 -5.32 -7.64 20.44
N TYR A 127 -4.06 -7.60 20.83
CA TYR A 127 -3.15 -8.71 20.60
C TYR A 127 -3.01 -9.59 21.84
N ALA A 128 -2.70 -10.85 21.60
CA ALA A 128 -2.19 -11.69 22.67
C ALA A 128 -0.67 -11.58 22.66
N LYS A 129 0.04 -12.69 22.75
CA LYS A 129 1.50 -12.64 22.76
C LYS A 129 2.06 -12.27 21.38
N VAL A 130 2.94 -11.27 21.36
CA VAL A 130 3.62 -10.83 20.14
C VAL A 130 5.13 -10.88 20.39
N THR A 131 5.87 -11.43 19.43
CA THR A 131 7.32 -11.55 19.52
C THR A 131 7.99 -10.39 18.79
N GLN A 132 9.29 -10.48 18.58
CA GLN A 132 10.01 -9.48 17.79
C GLN A 132 9.96 -9.75 16.30
N SER A 133 9.25 -10.78 15.86
CA SER A 133 9.10 -11.09 14.43
C SER A 133 7.65 -10.75 14.05
N VAL A 134 7.47 -9.63 13.35
CA VAL A 134 6.16 -9.03 13.10
C VAL A 134 6.05 -8.61 11.65
N THR A 135 4.88 -8.84 11.05
CA THR A 135 4.56 -8.38 9.70
C THR A 135 3.77 -7.07 9.78
N GLY A 136 4.14 -6.11 8.94
CA GLY A 136 3.45 -4.85 8.96
C GLY A 136 3.90 -3.96 7.82
N HIS A 137 3.62 -2.68 7.95
CA HIS A 137 4.03 -1.69 6.95
C HIS A 137 4.56 -0.48 7.69
N PRO A 138 5.89 -0.39 7.89
CA PRO A 138 6.43 0.70 8.71
C PRO A 138 6.12 2.10 8.21
N ALA A 139 6.18 2.36 6.91
CA ALA A 139 6.03 3.73 6.41
C ALA A 139 4.54 4.01 6.15
N SER A 140 3.78 4.03 7.24
CA SER A 140 2.35 4.29 7.15
C SER A 140 2.03 5.74 6.83
N ARG A 141 2.93 6.66 7.12
CA ARG A 141 2.64 8.09 7.06
C ARG A 141 1.46 8.46 7.95
N THR A 142 1.17 7.63 8.95
CA THR A 142 -0.06 7.77 9.74
C THR A 142 0.22 7.29 11.16
N THR A 143 -0.19 8.10 12.14
CA THR A 143 -0.03 7.71 13.54
C THR A 143 -1.01 6.62 13.93
N SER A 144 -0.49 5.59 14.60
CA SER A 144 -1.25 4.54 15.26
C SER A 144 -1.08 4.71 16.76
N PHE A 145 -1.98 4.08 17.53
CA PHE A 145 -2.11 4.37 18.95
C PHE A 145 -2.17 3.08 19.75
N ILE A 146 -1.38 3.01 20.84
CA ILE A 146 -1.31 1.82 21.69
C ILE A 146 -1.80 2.17 23.08
N VAL A 147 -2.72 1.35 23.60
CA VAL A 147 -3.11 1.40 25.02
C VAL A 147 -3.01 -0.01 25.60
N LYS A 148 -2.94 -0.07 26.93
CA LYS A 148 -2.71 -1.34 27.60
C LYS A 148 -3.99 -2.18 27.68
N GLY A 149 -3.82 -3.49 27.60
CA GLY A 149 -4.93 -4.41 27.75
C GLY A 149 -5.79 -4.50 26.51
N GLU A 150 -7.06 -4.87 26.72
CA GLU A 150 -8.02 -5.10 25.65
C GLU A 150 -8.99 -3.93 25.67
N GLN A 151 -8.85 -3.02 24.71
CA GLN A 151 -9.67 -1.81 24.59
C GLN A 151 -10.17 -1.64 23.18
N THR A 152 -10.54 -2.75 22.55
CA THR A 152 -10.91 -2.76 21.14
CA THR A 152 -10.86 -2.72 21.14
C THR A 152 -12.08 -1.84 20.85
N ASN A 153 -13.00 -1.72 21.81
CA ASN A 153 -14.24 -0.98 21.60
C ASN A 153 -14.31 0.30 22.44
N ALA A 154 -13.17 0.80 22.90
CA ALA A 154 -13.15 2.02 23.69
C ALA A 154 -13.35 3.23 22.79
N GLU A 155 -14.32 4.07 23.15
CA GLU A 155 -14.58 5.29 22.39
C GLU A 155 -13.38 6.23 22.46
N VAL A 156 -12.81 6.40 23.65
CA VAL A 156 -11.72 7.33 23.89
C VAL A 156 -10.52 6.55 24.38
N PHE A 157 -9.38 6.74 23.73
CA PHE A 157 -8.11 6.19 24.20
C PHE A 157 -7.48 7.22 25.15
N LYS A 158 -7.18 6.80 26.37
CA LYS A 158 -6.56 7.67 27.36
C LYS A 158 -5.05 7.57 27.25
N ASN A 159 -4.39 8.71 27.01
CA ASN A 159 -2.94 8.79 26.95
C ASN A 159 -2.29 7.70 26.10
N PRO A 160 -2.72 7.52 24.87
CA PRO A 160 -2.15 6.44 24.06
C PRO A 160 -0.70 6.73 23.70
N VAL A 161 0.06 5.66 23.51
CA VAL A 161 1.40 5.77 22.93
C VAL A 161 1.26 5.88 21.41
N LYS A 162 1.91 6.89 20.83
CA LYS A 162 1.84 7.13 19.40
C LYS A 162 2.99 6.45 18.67
N THR A 163 2.69 5.86 17.52
CA THR A 163 3.73 5.27 16.68
C THR A 163 3.30 5.41 15.23
N ASP A 164 4.18 5.99 14.40
CA ASP A 164 3.86 6.21 12.98
C ASP A 164 4.21 4.99 12.13
N HIS A 165 3.52 3.89 12.40
CA HIS A 165 3.73 2.63 11.71
C HIS A 165 2.39 1.90 11.69
N TRP A 166 2.24 1.00 10.71
CA TRP A 166 1.14 0.06 10.66
C TRP A 166 1.65 -1.37 10.91
N TYR A 167 0.81 -2.18 11.56
CA TYR A 167 1.13 -3.57 11.86
C TYR A 167 -0.08 -4.43 11.53
N SER A 168 0.17 -5.61 10.96
CA SER A 168 -0.83 -6.66 10.74
C SER A 168 -1.81 -6.41 9.60
N LEU A 169 -2.08 -5.15 9.28
CA LEU A 169 -3.05 -4.83 8.23
C LEU A 169 -2.57 -5.31 6.86
N PHE A 170 -3.54 -5.57 5.98
CA PHE A 170 -3.21 -5.88 4.58
C PHE A 170 -4.20 -5.16 3.67
N ASN A 171 -5.50 -5.46 3.79
CA ASN A 171 -6.45 -4.84 2.88
C ASN A 171 -7.86 -4.86 3.44
N ILE A 172 -8.72 -4.03 2.85
CA ILE A 172 -10.14 -3.97 3.15
C ILE A 172 -10.89 -4.16 1.83
N ASP A 173 -11.85 -5.08 1.80
CA ASP A 173 -12.74 -5.29 0.67
C ASP A 173 -14.17 -4.83 1.00
N VAL A 174 -14.88 -4.35 -0.02
CA VAL A 174 -16.28 -3.95 0.08
CA VAL A 174 -16.28 -3.96 0.10
C VAL A 174 -17.07 -4.69 -0.97
N LYS A 175 -18.32 -5.03 -0.65
CA LYS A 175 -19.22 -5.61 -1.65
C LYS A 175 -19.73 -4.50 -2.57
N THR A 176 -19.84 -4.82 -3.86
CA THR A 176 -20.33 -3.88 -4.86
C THR A 176 -21.42 -4.53 -5.67
N SER A 177 -22.34 -3.72 -6.20
CA SER A 177 -23.37 -4.18 -7.12
C SER A 177 -23.16 -3.70 -8.54
N GLU A 178 -22.69 -2.45 -8.70
CA GLU A 178 -22.34 -1.93 -10.01
C GLU A 178 -20.94 -2.40 -10.38
N PRO A 179 -20.63 -2.43 -11.69
CA PRO A 179 -19.25 -2.75 -12.10
C PRO A 179 -18.24 -1.84 -11.40
N SER A 180 -17.31 -2.46 -10.67
CA SER A 180 -16.36 -1.72 -9.85
C SER A 180 -15.01 -2.41 -9.95
N TYR A 181 -13.94 -1.63 -10.04
CA TYR A 181 -12.63 -2.19 -10.34
C TYR A 181 -11.56 -1.40 -9.62
N ALA A 182 -10.40 -2.04 -9.46
CA ALA A 182 -9.27 -1.45 -8.73
C ALA A 182 -8.07 -1.19 -9.64
N VAL A 183 -7.38 -0.09 -9.35
CA VAL A 183 -6.03 0.19 -9.86
C VAL A 183 -5.05 -0.16 -8.76
N ALA A 184 -4.13 -1.09 -9.02
CA ALA A 184 -3.06 -1.36 -8.09
C ALA A 184 -1.81 -0.62 -8.53
N ILE A 185 -1.03 -0.12 -7.58
CA ILE A 185 0.16 0.69 -7.88
C ILE A 185 1.37 0.06 -7.19
N MSE A 186 2.30 -0.47 -7.98
CA MSE A 186 3.50 -1.07 -7.41
C MSE A 186 4.55 0.00 -7.44
O MSE A 186 4.78 0.60 -8.52
CB MSE A 186 3.93 -2.25 -8.28
CG MSE A 186 5.33 -2.73 -7.88
SE MSE A 186 5.19 -3.98 -6.37
CE MSE A 186 4.46 -5.52 -7.36
N GLY A 187 5.20 0.27 -6.31
CA GLY A 187 6.20 1.31 -6.28
C GLY A 187 7.09 1.26 -5.05
N ASN A 188 7.90 2.31 -4.91
CA ASN A 188 8.83 2.50 -3.81
C ASN A 188 8.34 3.66 -2.94
N SER A 189 9.26 4.42 -2.34
CA SER A 189 8.83 5.45 -1.40
C SER A 189 8.08 6.60 -2.08
N ILE A 190 8.28 6.80 -3.38
CA ILE A 190 7.53 7.84 -4.08
C ILE A 190 6.06 7.48 -4.17
N THR A 191 5.74 6.20 -4.12
CA THR A 191 4.36 5.76 -4.11
C THR A 191 3.83 5.61 -2.69
N ASP A 192 4.65 5.04 -1.80
CA ASP A 192 4.30 4.81 -0.40
C ASP A 192 4.12 6.13 0.37
N GLY A 193 4.72 7.22 -0.11
CA GLY A 193 4.42 8.53 0.40
C GLY A 193 5.49 9.21 1.22
N ARG A 194 6.77 8.93 0.99
CA ARG A 194 7.81 9.68 1.67
C ARG A 194 7.65 11.16 1.37
N GLY A 195 7.63 12.00 2.41
CA GLY A 195 7.43 13.42 2.22
C GLY A 195 5.97 13.86 2.16
N SER A 196 5.02 12.92 2.12
CA SER A 196 3.63 13.30 2.28
C SER A 196 3.39 13.69 3.74
N GLY A 197 2.21 14.25 4.03
CA GLY A 197 1.93 14.78 5.35
C GLY A 197 1.44 13.69 6.27
N THR A 198 2.09 13.54 7.41
CA THR A 198 1.64 12.54 8.36
C THR A 198 0.21 12.83 8.78
N ASN A 199 -0.64 11.82 8.67
CA ASN A 199 -2.07 11.87 9.00
C ASN A 199 -2.90 12.61 7.97
N ARG A 200 -2.25 13.11 6.99
CA ARG A 200 -2.96 13.80 5.96
CA ARG A 200 -2.96 13.80 5.96
C ARG A 200 -3.58 12.95 4.73
N GLN A 201 -3.07 11.68 4.71
CA GLN A 201 -3.46 10.73 3.68
C GLN A 201 -3.38 11.37 2.29
N ASN A 202 -2.22 11.97 2.00
CA ASN A 202 -2.05 12.78 0.80
C ASN A 202 -0.86 12.33 -0.07
N ARG A 203 -0.62 11.02 -0.07
CA ARG A 203 0.28 10.40 -1.03
C ARG A 203 -0.29 10.62 -2.43
N TRP A 204 0.55 10.57 -3.47
CA TRP A 204 0.00 10.79 -4.81
C TRP A 204 -1.12 9.81 -5.16
N PRO A 205 -1.08 8.54 -4.77
CA PRO A 205 -2.24 7.68 -5.08
C PRO A 205 -3.53 8.12 -4.40
N ASP A 206 -3.45 8.76 -3.23
CA ASP A 206 -4.65 9.27 -2.58
C ASP A 206 -5.25 10.43 -3.36
N ILE A 207 -4.40 11.32 -3.86
CA ILE A 207 -4.87 12.46 -4.66
C ILE A 207 -5.53 11.95 -5.93
N PHE A 208 -4.88 11.01 -6.62
CA PHE A 208 -5.47 10.38 -7.80
C PHE A 208 -6.78 9.67 -7.45
N SER A 209 -6.80 8.93 -6.34
CA SER A 209 -8.00 8.24 -5.92
C SER A 209 -9.17 9.20 -5.72
N GLN A 210 -8.91 10.33 -5.08
CA GLN A 210 -9.96 11.32 -4.86
C GLN A 210 -10.52 11.85 -6.17
N ARG A 211 -9.66 12.05 -7.17
CA ARG A 211 -10.12 12.53 -8.46
C ARG A 211 -11.02 11.49 -9.15
N LEU A 212 -10.66 10.21 -9.06
CA LEU A 212 -11.55 9.18 -9.61
C LEU A 212 -12.92 9.24 -8.96
N LEU A 213 -12.96 9.35 -7.63
CA LEU A 213 -14.22 9.27 -6.90
C LEU A 213 -15.09 10.49 -7.12
N ALA A 214 -14.50 11.62 -7.47
CA ALA A 214 -15.25 12.85 -7.67
C ALA A 214 -15.81 12.97 -9.09
N ASN A 215 -15.52 12.02 -9.97
CA ASN A 215 -15.93 12.07 -11.36
CA ASN A 215 -15.99 12.11 -11.34
C ASN A 215 -16.95 10.98 -11.64
N PRO A 216 -18.15 11.30 -12.14
CA PRO A 216 -19.17 10.25 -12.33
C PRO A 216 -18.71 9.03 -13.12
N SER A 217 -17.91 9.18 -14.17
CA SER A 217 -17.56 8.02 -14.96
C SER A 217 -16.53 7.11 -14.30
N THR A 218 -15.93 7.53 -13.18
CA THR A 218 -14.95 6.71 -12.48
C THR A 218 -15.30 6.53 -11.00
N ARG A 219 -16.57 6.70 -10.65
CA ARG A 219 -17.04 6.66 -9.27
C ARG A 219 -16.76 5.32 -8.60
N ASN A 220 -16.68 4.24 -9.37
CA ASN A 220 -16.55 2.90 -8.82
C ASN A 220 -15.14 2.34 -8.95
N ILE A 221 -14.13 3.21 -9.04
CA ILE A 221 -12.75 2.76 -9.21
C ILE A 221 -11.98 3.02 -7.93
N SER A 222 -11.39 1.96 -7.37
CA SER A 222 -10.58 2.09 -6.16
C SER A 222 -9.11 2.14 -6.54
N VAL A 223 -8.30 2.57 -5.57
CA VAL A 223 -6.85 2.67 -5.75
C VAL A 223 -6.15 1.96 -4.61
N LEU A 224 -5.24 1.05 -4.96
CA LEU A 224 -4.51 0.22 -4.00
C LEU A 224 -3.03 0.61 -4.01
N ASN A 225 -2.53 1.07 -2.87
CA ASN A 225 -1.15 1.53 -2.76
C ASN A 225 -0.26 0.38 -2.32
N LEU A 226 0.50 -0.19 -3.27
CA LEU A 226 1.47 -1.23 -2.99
C LEU A 226 2.90 -0.70 -3.05
N GLY A 227 3.11 0.54 -2.65
CA GLY A 227 4.45 1.06 -2.51
C GLY A 227 5.13 0.57 -1.25
N ILE A 228 6.45 0.40 -1.34
CA ILE A 228 7.30 0.10 -0.18
C ILE A 228 8.55 0.97 -0.27
N GLY A 229 8.82 1.76 0.77
CA GLY A 229 10.02 2.58 0.75
C GLY A 229 11.29 1.77 0.61
N GLY A 230 12.19 2.23 -0.25
CA GLY A 230 13.46 1.55 -0.46
C GLY A 230 13.40 0.33 -1.36
N ASN A 231 12.25 0.03 -1.94
CA ASN A 231 12.05 -1.23 -2.65
C ASN A 231 12.79 -1.26 -3.98
N CYS A 232 13.22 -2.47 -4.36
CA CYS A 232 13.80 -2.74 -5.67
C CYS A 232 12.92 -3.73 -6.40
N VAL A 233 13.05 -3.72 -7.73
CA VAL A 233 12.28 -4.65 -8.55
C VAL A 233 12.94 -6.02 -8.56
N VAL A 234 14.26 -6.07 -8.71
CA VAL A 234 14.94 -7.30 -9.07
C VAL A 234 15.64 -7.95 -7.87
N ARG A 235 16.37 -7.17 -7.09
CA ARG A 235 17.21 -7.77 -6.06
C ARG A 235 17.64 -6.66 -5.11
N GLY A 236 17.86 -7.03 -3.85
CA GLY A 236 18.29 -6.06 -2.87
C GLY A 236 17.18 -5.11 -2.42
N GLY A 237 17.58 -3.98 -1.87
CA GLY A 237 16.63 -3.01 -1.39
C GLY A 237 15.97 -3.41 -0.08
N LEU A 238 14.92 -2.67 0.26
CA LEU A 238 14.15 -2.86 1.48
C LEU A 238 12.79 -3.45 1.16
N GLY A 239 12.38 -4.44 1.97
CA GLY A 239 11.13 -5.14 1.77
C GLY A 239 11.27 -6.16 0.65
N PRO A 240 10.28 -7.02 0.47
CA PRO A 240 10.35 -7.99 -0.63
C PRO A 240 10.40 -7.28 -1.97
N THR A 241 11.17 -7.83 -2.90
CA THR A 241 11.28 -7.17 -4.21
C THR A 241 9.94 -7.17 -4.93
N ALA A 242 9.81 -6.27 -5.91
CA ALA A 242 8.58 -6.22 -6.68
C ALA A 242 8.28 -7.56 -7.32
N LEU A 243 9.28 -8.20 -7.93
CA LEU A 243 9.02 -9.51 -8.54
C LEU A 243 8.55 -10.52 -7.49
N ASP A 244 9.18 -10.53 -6.32
CA ASP A 244 8.83 -11.54 -5.30
C ASP A 244 7.46 -11.30 -4.69
N ARG A 245 7.02 -10.05 -4.57
CA ARG A 245 5.73 -9.77 -3.97
C ARG A 245 4.63 -9.56 -4.98
N PHE A 246 4.90 -9.75 -6.28
CA PHE A 246 3.91 -9.45 -7.31
C PHE A 246 2.62 -10.27 -7.11
N ASP A 247 2.74 -11.59 -7.02
CA ASP A 247 1.54 -12.42 -6.85
C ASP A 247 0.81 -12.07 -5.56
N TYR A 248 1.56 -11.95 -4.46
CA TYR A 248 0.95 -11.73 -3.16
C TYR A 248 0.30 -10.35 -3.06
N ASN A 249 0.83 -9.33 -3.72
CA ASN A 249 0.31 -7.98 -3.59
C ASN A 249 -0.67 -7.59 -4.70
N ILE A 250 -0.39 -7.99 -5.94
CA ILE A 250 -1.13 -7.51 -7.12
C ILE A 250 -2.20 -8.49 -7.57
N LEU A 251 -1.92 -9.78 -7.54
CA LEU A 251 -2.84 -10.78 -8.05
C LEU A 251 -3.74 -11.38 -6.98
N ASN A 252 -3.58 -10.95 -5.74
CA ASN A 252 -4.20 -11.52 -4.57
C ASN A 252 -5.30 -10.61 -4.02
N GLN A 253 -5.70 -9.58 -4.74
CA GLN A 253 -6.74 -8.66 -4.31
C GLN A 253 -8.03 -8.96 -5.05
N GLN A 254 -9.05 -8.13 -4.85
CA GLN A 254 -10.35 -8.32 -5.46
C GLN A 254 -10.64 -7.17 -6.43
N GLY A 255 -10.85 -7.51 -7.69
CA GLY A 255 -11.29 -6.53 -8.67
C GLY A 255 -10.22 -5.76 -9.41
N VAL A 256 -8.95 -6.17 -9.33
CA VAL A 256 -7.89 -5.41 -10.00
C VAL A 256 -8.04 -5.53 -11.51
N LYS A 257 -8.05 -4.39 -12.16
CA LYS A 257 -8.13 -4.29 -13.61
C LYS A 257 -6.94 -3.55 -14.26
N TRP A 258 -6.25 -2.72 -13.46
CA TRP A 258 -5.10 -1.97 -13.96
C TRP A 258 -4.00 -2.02 -12.92
N LEU A 259 -2.77 -1.99 -13.41
CA LEU A 259 -1.56 -1.93 -12.60
C LEU A 259 -0.73 -0.76 -13.11
N ILE A 260 -0.34 0.15 -12.23
CA ILE A 260 0.69 1.15 -12.52
C ILE A 260 1.99 0.69 -11.91
N ILE A 261 3.06 0.69 -12.68
CA ILE A 261 4.39 0.36 -12.18
C ILE A 261 5.22 1.64 -12.16
N LEU A 262 5.65 2.04 -10.97
CA LEU A 262 6.56 3.18 -10.77
C LEU A 262 7.67 2.66 -9.86
N GLU A 263 8.64 1.97 -10.44
CA GLU A 263 9.66 1.36 -9.61
C GLU A 263 10.86 1.00 -10.47
N GLY A 264 12.03 1.02 -9.86
CA GLY A 264 13.24 0.66 -10.56
C GLY A 264 14.42 1.55 -10.25
N VAL A 265 14.15 2.77 -9.75
CA VAL A 265 15.24 3.71 -9.48
C VAL A 265 16.24 3.11 -8.51
N ASN A 266 15.75 2.42 -7.47
CA ASN A 266 16.65 1.88 -6.47
C ASN A 266 17.49 0.72 -7.02
N ASP A 267 16.99 0.01 -8.04
CA ASP A 267 17.83 -1.00 -8.69
C ASP A 267 19.09 -0.37 -9.25
N LEU A 268 18.98 0.84 -9.80
CA LEU A 268 20.14 1.52 -10.33
CA LEU A 268 20.14 1.54 -10.33
C LEU A 268 20.88 2.34 -9.27
N GLY A 269 20.16 2.83 -8.27
CA GLY A 269 20.78 3.70 -7.27
C GLY A 269 21.86 3.03 -6.46
N GLY A 270 21.78 1.71 -6.31
CA GLY A 270 22.81 1.01 -5.57
C GLY A 270 24.00 0.54 -6.38
N THR A 271 24.07 0.82 -7.68
CA THR A 271 25.18 0.32 -8.48
C THR A 271 26.42 1.20 -8.31
N ARG A 272 27.51 0.50 -8.25
CA ARG A 272 28.80 1.14 -8.06
CA ARG A 272 28.78 1.17 -8.05
C ARG A 272 29.83 1.39 -9.25
N ASP A 273 29.48 0.79 -10.37
CA ASP A 273 30.31 0.95 -11.56
C ASP A 273 29.42 0.87 -12.80
N PRO A 274 29.88 1.37 -13.95
CA PRO A 274 29.02 1.37 -15.14
C PRO A 274 28.61 -0.01 -15.61
N ASP A 275 29.48 -1.01 -15.46
CA ASP A 275 29.13 -2.35 -15.91
C ASP A 275 27.97 -2.91 -15.10
N ASP A 276 28.00 -2.71 -13.78
CA ASP A 276 26.88 -3.18 -12.96
C ASP A 276 25.62 -2.39 -13.22
N ALA A 277 25.75 -1.08 -13.47
CA ALA A 277 24.58 -0.28 -13.82
C ALA A 277 23.93 -0.80 -15.10
N SER A 278 24.73 -1.17 -16.10
CA SER A 278 24.18 -1.73 -17.32
CA SER A 278 24.18 -1.73 -17.32
C SER A 278 23.49 -3.07 -17.05
N LYS A 279 24.12 -3.92 -16.23
CA LYS A 279 23.52 -5.22 -15.92
C LYS A 279 22.20 -5.05 -15.18
N ARG A 280 22.15 -4.15 -14.20
CA ARG A 280 20.90 -3.95 -13.47
C ARG A 280 19.82 -3.32 -14.36
N THR A 281 20.22 -2.51 -15.34
CA THR A 281 19.24 -1.95 -16.28
C THR A 281 18.62 -3.05 -17.14
N GLU A 282 19.45 -3.96 -17.66
CA GLU A 282 18.91 -5.06 -18.44
C GLU A 282 18.00 -5.94 -17.60
N GLU A 283 18.39 -6.24 -16.37
CA GLU A 283 17.56 -7.08 -15.51
C GLU A 283 16.24 -6.41 -15.17
N LEU A 284 16.26 -5.08 -15.00
CA LEU A 284 15.04 -4.36 -14.69
C LEU A 284 14.08 -4.39 -15.87
N ILE A 285 14.59 -4.19 -17.09
CA ILE A 285 13.74 -4.24 -18.26
C ILE A 285 13.16 -5.64 -18.46
N ALA A 286 13.97 -6.67 -18.20
CA ALA A 286 13.43 -8.04 -18.23
C ALA A 286 12.34 -8.23 -17.19
N ALA A 287 12.53 -7.67 -15.99
CA ALA A 287 11.54 -7.81 -14.94
C ALA A 287 10.24 -7.09 -15.30
N TYR A 288 10.33 -5.92 -15.93
CA TYR A 288 9.11 -5.26 -16.38
C TYR A 288 8.31 -6.18 -17.28
N GLN A 289 8.98 -6.86 -18.21
CA GLN A 289 8.26 -7.75 -19.12
C GLN A 289 7.62 -8.92 -18.38
N VAL A 290 8.32 -9.48 -17.37
CA VAL A 290 7.73 -10.58 -16.59
C VAL A 290 6.45 -10.11 -15.91
N MSE A 291 6.48 -8.92 -15.31
CA MSE A 291 5.29 -8.36 -14.68
C MSE A 291 4.18 -8.00 -15.63
O MSE A 291 3.02 -8.27 -15.32
CB MSE A 291 5.63 -7.20 -13.74
CG MSE A 291 6.70 -7.55 -12.71
SE MSE A 291 6.94 -6.23 -11.32
CE MSE A 291 8.13 -5.20 -12.43
N ILE A 292 4.50 -7.41 -16.78
CA ILE A 292 3.48 -7.13 -17.79
C ILE A 292 2.81 -8.43 -18.22
N ASP A 293 3.60 -9.47 -18.49
CA ASP A 293 3.03 -10.73 -18.96
C ASP A 293 2.14 -11.37 -17.88
N LYS A 294 2.58 -11.34 -16.62
CA LYS A 294 1.76 -11.89 -15.54
C LYS A 294 0.46 -11.13 -15.41
N ALA A 295 0.54 -9.79 -15.44
CA ALA A 295 -0.69 -9.00 -15.35
C ALA A 295 -1.63 -9.33 -16.51
N HIS A 296 -1.10 -9.37 -17.74
CA HIS A 296 -1.95 -9.68 -18.88
C HIS A 296 -2.59 -11.04 -18.74
N ALA A 297 -1.85 -12.03 -18.23
CA ALA A 297 -2.42 -13.36 -18.07
C ALA A 297 -3.61 -13.35 -17.14
N ASN A 298 -3.66 -12.36 -16.23
CA ASN A 298 -4.74 -12.24 -15.26
C ASN A 298 -5.73 -11.14 -15.64
N GLY A 299 -5.72 -10.69 -16.89
CA GLY A 299 -6.71 -9.73 -17.36
C GLY A 299 -6.50 -8.32 -16.88
N ILE A 300 -5.25 -7.95 -16.58
CA ILE A 300 -4.92 -6.66 -15.98
C ILE A 300 -4.07 -5.89 -16.98
N LYS A 301 -4.45 -4.64 -17.27
CA LYS A 301 -3.64 -3.77 -18.10
C LYS A 301 -2.56 -3.13 -17.27
N VAL A 302 -1.40 -2.86 -17.89
CA VAL A 302 -0.24 -2.34 -17.17
C VAL A 302 0.17 -1.01 -17.77
N TYR A 303 0.25 0.00 -16.91
CA TYR A 303 0.67 1.34 -17.29
C TYR A 303 2.02 1.60 -16.66
N GLY A 304 3.01 1.93 -17.49
CA GLY A 304 4.35 2.20 -17.00
C GLY A 304 4.53 3.67 -16.71
N ALA A 305 5.09 3.99 -15.55
CA ALA A 305 5.31 5.37 -15.15
C ALA A 305 6.79 5.69 -15.14
N THR A 306 7.16 6.81 -15.75
CA THR A 306 8.52 7.34 -15.70
C THR A 306 8.68 8.20 -14.45
N ILE A 307 9.94 8.51 -14.11
CA ILE A 307 10.23 9.35 -12.98
C ILE A 307 11.64 9.87 -13.15
N LEU A 308 11.91 11.03 -12.56
CA LEU A 308 13.32 11.40 -12.37
C LEU A 308 13.73 11.12 -10.94
N PRO A 309 14.91 10.51 -10.74
CA PRO A 309 15.37 10.21 -9.38
C PRO A 309 15.47 11.46 -8.52
N PHE A 310 15.13 11.29 -7.25
CA PHE A 310 15.17 12.34 -6.25
C PHE A 310 16.47 12.24 -5.47
N GLY A 311 16.85 13.34 -4.83
CA GLY A 311 18.05 13.40 -4.02
C GLY A 311 19.29 13.63 -4.84
N LYS A 312 20.40 13.80 -4.14
CA LYS A 312 21.69 14.03 -4.78
C LYS A 312 22.56 12.78 -4.88
N SER A 313 22.38 11.83 -3.96
CA SER A 313 23.25 10.66 -3.92
C SER A 313 23.15 9.84 -5.21
N PHE A 314 22.00 9.85 -5.87
CA PHE A 314 21.87 9.13 -7.13
C PHE A 314 22.77 9.72 -8.21
N TYR A 315 22.92 11.04 -8.23
CA TYR A 315 23.60 11.73 -9.31
C TYR A 315 25.10 11.90 -9.10
N GLU A 316 25.64 11.51 -7.94
CA GLU A 316 27.06 11.70 -7.72
C GLU A 316 27.93 10.76 -8.56
N LYS A 317 27.35 9.72 -9.14
CA LYS A 317 28.05 8.88 -10.11
C LYS A 317 27.29 8.97 -11.44
N PRO A 318 27.87 9.54 -12.49
CA PRO A 318 27.08 9.90 -13.67
C PRO A 318 26.50 8.73 -14.44
N PHE A 319 27.10 7.54 -14.38
CA PHE A 319 26.59 6.42 -15.17
C PHE A 319 25.17 6.03 -14.76
N ARG A 320 24.75 6.38 -13.54
CA ARG A 320 23.43 5.99 -13.07
C ARG A 320 22.33 6.71 -13.83
N ILE A 321 22.43 8.04 -13.96
CA ILE A 321 21.38 8.77 -14.67
C ILE A 321 21.43 8.45 -16.15
N GLU A 322 22.61 8.15 -16.72
CA GLU A 322 22.63 7.79 -18.13
C GLU A 322 21.89 6.48 -18.36
N GLU A 323 22.05 5.52 -17.43
CA GLU A 323 21.29 4.28 -17.53
C GLU A 323 19.80 4.51 -17.22
N TRP A 324 19.49 5.37 -16.24
CA TRP A 324 18.09 5.61 -15.93
C TRP A 324 17.35 6.27 -17.09
N LYS A 325 18.02 7.14 -17.84
CA LYS A 325 17.39 7.70 -19.04
C LYS A 325 17.03 6.61 -20.03
N LYS A 326 17.85 5.57 -20.13
CA LYS A 326 17.53 4.43 -21.01
C LYS A 326 16.28 3.71 -20.53
N VAL A 327 16.11 3.57 -19.21
CA VAL A 327 14.92 2.91 -18.68
C VAL A 327 13.68 3.73 -19.00
N ASN A 328 13.72 5.04 -18.72
CA ASN A 328 12.58 5.89 -19.05
C ASN A 328 12.25 5.82 -20.54
N ASP A 329 13.29 5.75 -21.39
CA ASP A 329 13.05 5.65 -22.83
C ASP A 329 12.40 4.33 -23.20
N TRP A 330 12.82 3.23 -22.54
CA TRP A 330 12.19 1.94 -22.79
C TRP A 330 10.73 1.96 -22.34
N ILE A 331 10.46 2.54 -21.17
CA ILE A 331 9.06 2.65 -20.72
C ILE A 331 8.24 3.39 -21.78
N ARG A 332 8.78 4.50 -22.29
CA ARG A 332 8.04 5.33 -23.24
C ARG A 332 7.86 4.65 -24.59
N ASN A 333 8.89 3.99 -25.10
CA ASN A 333 8.96 3.68 -26.51
C ASN A 333 8.99 2.19 -26.86
N SER A 334 9.11 1.30 -25.88
CA SER A 334 9.19 -0.12 -26.22
C SER A 334 7.86 -0.67 -26.73
N GLY A 335 6.75 0.00 -26.43
CA GLY A 335 5.44 -0.53 -26.76
C GLY A 335 4.99 -1.71 -25.92
N LYS A 336 5.72 -2.04 -24.85
CA LYS A 336 5.35 -3.21 -24.05
C LYS A 336 4.30 -2.89 -23.00
N PHE A 337 4.30 -1.68 -22.47
CA PHE A 337 3.24 -1.27 -21.57
C PHE A 337 1.99 -0.93 -22.37
N ASP A 338 0.83 -1.10 -21.73
CA ASP A 338 -0.42 -0.77 -22.41
C ASP A 338 -0.62 0.74 -22.52
N ALA A 339 0.02 1.52 -21.66
CA ALA A 339 0.04 2.97 -21.76
C ALA A 339 1.16 3.47 -20.85
N VAL A 340 1.50 4.74 -20.98
CA VAL A 340 2.59 5.35 -20.23
C VAL A 340 2.06 6.56 -19.48
N ILE A 341 2.44 6.69 -18.22
CA ILE A 341 2.16 7.88 -17.41
C ILE A 341 3.51 8.59 -17.25
N ASP A 342 3.71 9.67 -18.01
CA ASP A 342 5.04 10.26 -18.15
C ASP A 342 5.28 11.36 -17.13
N PHE A 343 5.40 10.93 -15.86
CA PHE A 343 5.68 11.88 -14.79
C PHE A 343 6.97 12.64 -15.04
N ALA A 344 7.99 11.96 -15.56
CA ALA A 344 9.30 12.59 -15.74
C ALA A 344 9.22 13.76 -16.71
N LYS A 345 8.52 13.59 -17.82
CA LYS A 345 8.34 14.68 -18.77
C LYS A 345 7.52 15.81 -18.15
N HIS A 346 6.50 15.46 -17.36
CA HIS A 346 5.68 16.47 -16.70
C HIS A 346 6.49 17.26 -15.68
N MSE A 347 7.42 16.59 -14.99
CA MSE A 347 8.32 17.23 -14.02
C MSE A 347 9.20 18.27 -14.68
O MSE A 347 9.32 19.39 -14.19
CB MSE A 347 9.21 16.18 -13.33
CG MSE A 347 8.46 15.36 -12.29
SE MSE A 347 9.17 13.68 -11.63
CE MSE A 347 7.63 13.29 -10.49
N GLN A 348 9.78 17.88 -15.81
CA GLN A 348 10.64 18.78 -16.57
C GLN A 348 9.87 19.93 -17.21
N SER A 349 8.54 19.90 -17.17
CA SER A 349 7.74 21.01 -17.67
C SER A 349 7.72 22.16 -16.66
N HIS A 366 13.43 16.54 -3.94
CA HIS A 366 12.86 15.85 -2.78
C HIS A 366 11.35 15.80 -2.89
N PRO A 367 10.77 14.62 -2.64
CA PRO A 367 9.31 14.50 -2.68
C PRO A 367 8.66 15.25 -1.54
N ASN A 368 7.50 15.84 -1.83
CA ASN A 368 6.77 16.61 -0.84
C ASN A 368 5.29 16.63 -1.20
N GLU A 369 4.50 17.25 -0.32
CA GLU A 369 3.05 17.21 -0.48
C GLU A 369 2.62 17.94 -1.76
N ALA A 370 3.27 19.06 -2.07
CA ALA A 370 2.93 19.77 -3.31
C ALA A 370 3.27 18.94 -4.54
N GLY A 371 4.40 18.24 -4.52
CA GLY A 371 4.75 17.40 -5.66
C GLY A 371 3.79 16.24 -5.84
N TYR A 372 3.31 15.67 -4.73
CA TYR A 372 2.34 14.59 -4.81
C TYR A 372 0.97 15.08 -5.27
N ARG A 373 0.64 16.31 -4.96
CA ARG A 373 -0.57 16.89 -5.48
C ARG A 373 -0.45 17.01 -6.99
N ARG A 374 0.69 17.48 -7.46
CA ARG A 374 0.93 17.61 -8.89
C ARG A 374 0.83 16.25 -9.58
N MSE A 375 1.57 15.28 -9.06
CA MSE A 375 1.55 13.92 -9.61
C MSE A 375 0.16 13.33 -9.64
O MSE A 375 -0.27 12.76 -10.66
CB MSE A 375 2.49 13.03 -8.80
CG MSE A 375 3.97 13.31 -9.03
SE MSE A 375 5.10 12.13 -8.02
CE MSE A 375 4.73 10.46 -8.96
N GLY A 376 -0.56 13.46 -8.52
CA GLY A 376 -1.90 12.89 -8.44
C GLY A 376 -2.86 13.53 -9.44
N GLU A 377 -2.71 14.83 -9.68
CA GLU A 377 -3.57 15.53 -10.63
C GLU A 377 -3.20 15.23 -12.07
N PHE A 378 -1.98 14.76 -12.32
CA PHE A 378 -1.51 14.51 -13.68
C PHE A 378 -2.07 13.20 -14.25
N VAL A 379 -2.35 12.21 -13.41
CA VAL A 379 -2.79 10.91 -13.92
C VAL A 379 -4.07 11.05 -14.74
N ASP A 380 -4.03 10.52 -15.96
CA ASP A 380 -5.12 10.67 -16.93
C ASP A 380 -6.26 9.73 -16.58
N LEU A 381 -7.39 10.30 -16.12
CA LEU A 381 -8.52 9.48 -15.71
C LEU A 381 -9.09 8.66 -16.87
N ASN A 382 -8.88 9.09 -18.11
CA ASN A 382 -9.36 8.33 -19.27
C ASN A 382 -8.74 6.93 -19.33
N LEU A 383 -7.62 6.70 -18.66
CA LEU A 383 -7.03 5.36 -18.63
C LEU A 383 -7.83 4.37 -17.78
N PHE A 384 -8.87 4.82 -17.07
CA PHE A 384 -9.57 3.99 -16.10
C PHE A 384 -11.07 3.90 -16.38
N LYS A 385 -11.43 3.92 -17.65
CA LYS A 385 -12.82 4.01 -18.03
C LYS A 385 -13.30 2.86 -18.92
N ASN A 386 -12.41 2.23 -19.68
CA ASN A 386 -12.86 1.12 -20.53
C ASN A 386 -12.94 -0.17 -19.72
N GLU A 387 -14.10 -0.82 -19.79
CA GLU A 387 -14.44 -2.02 -19.02
C GLU A 387 -14.42 -1.75 -17.52
CL CL B . 12.49 4.58 -2.27
CL CL C . -4.75 1.66 -0.99
CL CL D . -2.63 4.49 11.88
#